data_5ESX
#
_entry.id   5ESX
#
_cell.length_a   67.461
_cell.length_b   67.538
_cell.length_c   94.879
_cell.angle_alpha   90.00
_cell.angle_beta   90.00
_cell.angle_gamma   90.00
#
_symmetry.space_group_name_H-M   'P 21 21 21'
#
loop_
_entity.id
_entity.type
_entity.pdbx_description
1 polymer 'Purine/pyrimidine phosphoribosyltransferase'
2 non-polymer "GUANOSINE-5'-MONOPHOSPHATE"
3 water water
#
_entity_poly.entity_id   1
_entity_poly.type   'polypeptide(L)'
_entity_poly.pdbx_seq_one_letter_code
;HHHHHHMTIPDKIKAVYEKSTCLYTSNEVEAALDRMAIKIHETLQDKNPVIICVMVGGLVPLGNLLHRLDFPLEVDYVHA
TRYRGDLTGGDILWKVRPSSNLAGRTVLVVDDILDGGITLAAIINEIKAMGAAEVYSAVLVDKYRKRVPNGLQKADFVGL
QVEDHYIFGYGMDYHEYLRNAPGIFIVHPDHEASK
;
_entity_poly.pdbx_strand_id   A,B
#
# COMPACT_ATOMS: atom_id res chain seq x y z
N HIS A 6 -30.09 14.47 -9.29
CA HIS A 6 -29.79 13.63 -10.50
C HIS A 6 -28.55 12.74 -10.35
N MET A 7 -28.03 12.27 -11.50
CA MET A 7 -27.02 11.18 -11.61
C MET A 7 -25.74 11.43 -10.83
N THR A 8 -25.25 10.37 -10.16
CA THR A 8 -24.01 10.49 -9.36
C THR A 8 -22.78 9.83 -9.99
N ILE A 9 -21.62 10.24 -9.50
CA ILE A 9 -20.33 9.65 -9.88
C ILE A 9 -20.24 8.13 -9.54
N PRO A 10 -20.61 7.72 -8.28
CA PRO A 10 -20.72 6.27 -7.98
C PRO A 10 -21.61 5.49 -8.93
N ASP A 11 -22.68 6.13 -9.44
CA ASP A 11 -23.57 5.52 -10.43
C ASP A 11 -22.86 5.28 -11.75
N LYS A 12 -22.09 6.27 -12.22
CA LYS A 12 -21.31 6.13 -13.45
C LYS A 12 -20.28 5.01 -13.34
N ILE A 13 -19.63 4.92 -12.18
CA ILE A 13 -18.59 3.94 -11.87
C ILE A 13 -19.09 2.49 -11.98
N LYS A 14 -20.24 2.18 -11.37
CA LYS A 14 -20.89 0.87 -11.51
C LYS A 14 -21.10 0.59 -13.01
N ALA A 15 -21.53 1.62 -13.75
CA ALA A 15 -21.86 1.50 -15.16
C ALA A 15 -20.60 1.23 -15.99
N VAL A 16 -19.53 1.93 -15.65
CA VAL A 16 -18.24 1.79 -16.30
C VAL A 16 -17.74 0.37 -16.11
N TYR A 17 -17.86 -0.12 -14.89
CA TYR A 17 -17.47 -1.48 -14.55
C TYR A 17 -18.32 -2.50 -15.27
N GLU A 18 -19.64 -2.28 -15.33
CA GLU A 18 -20.56 -3.21 -16.01
C GLU A 18 -20.20 -3.34 -17.49
N LYS A 19 -19.81 -2.22 -18.11
CA LYS A 19 -19.47 -2.20 -19.54
C LYS A 19 -18.05 -2.64 -19.87
N SER A 20 -17.23 -2.83 -18.84
CA SER A 20 -15.82 -3.11 -19.04
C SER A 20 -15.60 -4.55 -19.53
N THR A 21 -14.42 -4.78 -20.11
CA THR A 21 -14.00 -6.08 -20.63
C THR A 21 -12.85 -6.57 -19.76
N CYS A 22 -12.95 -7.81 -19.25
CA CYS A 22 -11.91 -8.38 -18.40
C CYS A 22 -10.72 -8.82 -19.25
N LEU A 23 -9.53 -8.33 -18.91
CA LEU A 23 -8.31 -8.66 -19.65
C LEU A 23 -7.50 -9.70 -18.92
N TYR A 24 -7.42 -9.56 -17.61
CA TYR A 24 -6.80 -10.56 -16.73
C TYR A 24 -7.64 -10.81 -15.46
N THR A 25 -7.84 -12.09 -15.14
CA THR A 25 -8.51 -12.51 -13.90
C THR A 25 -7.54 -12.29 -12.74
N SER A 26 -8.07 -12.13 -11.54
CA SER A 26 -7.21 -11.94 -10.38
C SER A 26 -6.15 -13.04 -10.29
N ASN A 27 -6.53 -14.28 -10.64
CA ASN A 27 -5.66 -15.46 -10.65
C ASN A 27 -4.45 -15.33 -11.57
N GLU A 28 -4.68 -14.74 -12.74
CA GLU A 28 -3.61 -14.39 -13.68
C GLU A 28 -2.66 -13.30 -13.12
N VAL A 29 -3.22 -12.32 -12.43
CA VAL A 29 -2.44 -11.27 -11.78
C VAL A 29 -1.55 -11.87 -10.68
N GLU A 30 -2.14 -12.73 -9.86
CA GLU A 30 -1.42 -13.46 -8.81
C GLU A 30 -0.27 -14.27 -9.41
N ALA A 31 -0.54 -14.93 -10.53
CA ALA A 31 0.48 -15.65 -11.28
C ALA A 31 1.63 -14.73 -11.73
N ALA A 32 1.28 -13.56 -12.27
CA ALA A 32 2.27 -12.58 -12.71
C ALA A 32 3.08 -12.09 -11.51
N LEU A 33 2.38 -11.86 -10.41
CA LEU A 33 3.02 -11.45 -9.18
C LEU A 33 4.02 -12.50 -8.66
N ASP A 34 3.68 -13.78 -8.85
CA ASP A 34 4.56 -14.92 -8.52
C ASP A 34 5.81 -14.98 -9.40
N ARG A 35 5.63 -14.79 -10.70
CA ARG A 35 6.72 -14.76 -11.68
C ARG A 35 7.73 -13.70 -11.35
N MET A 36 7.23 -12.50 -11.07
CA MET A 36 8.03 -11.35 -10.65
C MET A 36 8.77 -11.60 -9.35
N ALA A 37 8.13 -12.26 -8.39
CA ALA A 37 8.73 -12.52 -7.09
C ALA A 37 10.01 -13.36 -7.25
N ILE A 38 9.94 -14.36 -8.14
CA ILE A 38 11.06 -15.24 -8.41
C ILE A 38 12.24 -14.45 -9.00
N LYS A 39 11.93 -13.60 -9.96
CA LYS A 39 12.91 -12.78 -10.64
C LYS A 39 13.54 -11.78 -9.65
N ILE A 40 12.69 -11.19 -8.80
CA ILE A 40 13.13 -10.23 -7.77
C ILE A 40 14.03 -10.92 -6.72
N HIS A 41 13.60 -12.10 -6.31
CA HIS A 41 14.36 -12.92 -5.41
C HIS A 41 15.78 -13.14 -5.93
N GLU A 42 15.91 -13.73 -7.14
CA GLU A 42 17.22 -14.05 -7.73
C GLU A 42 18.18 -12.88 -7.74
N THR A 43 17.67 -11.72 -8.12
CA THR A 43 18.43 -10.49 -8.18
C THR A 43 18.73 -9.84 -6.82
N LEU A 44 17.72 -9.74 -5.95
CA LEU A 44 17.79 -8.85 -4.78
C LEU A 44 17.91 -9.49 -3.41
N GLN A 45 17.77 -10.82 -3.34
CA GLN A 45 17.82 -11.54 -2.05
C GLN A 45 19.00 -11.16 -1.15
N ASP A 46 20.18 -10.93 -1.71
CA ASP A 46 21.35 -10.58 -0.90
C ASP A 46 21.67 -9.09 -0.84
N LYS A 47 20.77 -8.26 -1.34
CA LYS A 47 21.03 -6.84 -1.47
C LYS A 47 20.49 -6.00 -0.32
N ASN A 48 19.66 -6.61 0.54
CA ASN A 48 19.06 -5.89 1.67
C ASN A 48 18.38 -4.60 1.17
N PRO A 49 17.40 -4.74 0.25
CA PRO A 49 16.85 -3.55 -0.42
C PRO A 49 15.78 -2.81 0.38
N VAL A 50 15.64 -1.54 0.03
CA VAL A 50 14.51 -0.75 0.48
C VAL A 50 13.55 -0.79 -0.69
N ILE A 51 12.36 -1.33 -0.45
CA ILE A 51 11.35 -1.38 -1.50
C ILE A 51 10.42 -0.18 -1.41
N ILE A 52 10.45 0.62 -2.47
CA ILE A 52 9.68 1.85 -2.51
C ILE A 52 8.40 1.71 -3.32
N CYS A 53 7.30 1.91 -2.61
CA CYS A 53 5.99 1.94 -3.19
C CYS A 53 5.80 3.28 -3.85
N VAL A 54 5.45 3.26 -5.14
CA VAL A 54 5.14 4.51 -5.83
C VAL A 54 3.64 4.79 -5.68
N MET A 55 3.29 5.74 -4.81
CA MET A 55 1.89 6.06 -4.50
C MET A 55 1.20 6.75 -5.69
N VAL A 56 -0.11 6.54 -5.87
CA VAL A 56 -0.92 5.57 -5.13
C VAL A 56 -1.15 4.26 -5.88
N GLY A 57 -0.77 4.23 -7.15
CA GLY A 57 -0.92 3.06 -8.02
C GLY A 57 -0.18 1.82 -7.54
N GLY A 58 0.90 2.02 -6.80
CA GLY A 58 1.73 0.93 -6.35
C GLY A 58 1.19 0.16 -5.17
N LEU A 59 0.13 0.70 -4.55
CA LEU A 59 -0.37 0.16 -3.28
C LEU A 59 -0.86 -1.29 -3.30
N VAL A 60 -1.81 -1.61 -4.17
CA VAL A 60 -2.31 -2.98 -4.10
C VAL A 60 -1.31 -3.99 -4.72
N PRO A 61 -0.60 -3.60 -5.80
CA PRO A 61 0.42 -4.48 -6.35
C PRO A 61 1.50 -4.78 -5.31
N LEU A 62 2.00 -3.76 -4.64
CA LEU A 62 3.02 -3.95 -3.62
C LEU A 62 2.51 -4.79 -2.45
N GLY A 63 1.27 -4.53 -2.03
CA GLY A 63 0.68 -5.23 -0.90
C GLY A 63 0.63 -6.72 -1.13
N ASN A 64 0.24 -7.09 -2.34
CA ASN A 64 0.10 -8.49 -2.69
C ASN A 64 1.43 -9.15 -3.00
N LEU A 65 2.34 -8.35 -3.53
CA LEU A 65 3.68 -8.81 -3.86
C LEU A 65 4.55 -9.08 -2.65
N LEU A 66 4.38 -8.29 -1.58
CA LEU A 66 5.35 -8.31 -0.49
C LEU A 66 5.50 -9.62 0.21
N HIS A 67 4.38 -10.30 0.50
CA HIS A 67 4.42 -11.56 1.23
C HIS A 67 4.94 -12.74 0.39
N ARG A 68 5.20 -12.48 -0.90
CA ARG A 68 5.82 -13.46 -1.82
C ARG A 68 7.31 -13.29 -1.84
N LEU A 69 7.79 -12.29 -1.12
CA LEU A 69 9.21 -11.97 -1.06
C LEU A 69 9.82 -12.50 0.21
N ASP A 70 10.80 -13.37 0.05
CA ASP A 70 11.39 -14.09 1.18
C ASP A 70 12.90 -13.85 1.29
N PHE A 71 13.24 -12.64 1.74
CA PHE A 71 14.61 -12.21 1.98
C PHE A 71 14.48 -10.89 2.73
N PRO A 72 15.50 -10.52 3.53
CA PRO A 72 15.38 -9.27 4.32
C PRO A 72 15.16 -8.03 3.45
N LEU A 73 14.19 -7.19 3.84
CA LEU A 73 13.84 -5.98 3.11
C LEU A 73 13.12 -4.98 3.99
N GLU A 74 13.18 -3.71 3.60
CA GLU A 74 12.44 -2.62 4.23
C GLU A 74 11.46 -2.04 3.22
N VAL A 75 10.51 -1.26 3.74
CA VAL A 75 9.50 -0.64 2.93
C VAL A 75 9.43 0.87 3.18
N ASP A 76 9.22 1.60 2.09
CA ASP A 76 9.01 3.01 2.15
C ASP A 76 8.21 3.37 0.90
N TYR A 77 7.87 4.64 0.76
CA TYR A 77 6.98 5.07 -0.28
C TYR A 77 7.38 6.45 -0.73
N VAL A 78 6.87 6.81 -1.89
CA VAL A 78 7.21 8.05 -2.54
C VAL A 78 5.95 8.44 -3.31
N HIS A 79 5.76 9.74 -3.54
CA HIS A 79 4.60 10.20 -4.31
C HIS A 79 4.97 11.40 -5.19
N ALA A 80 4.83 11.21 -6.49
CA ALA A 80 5.10 12.26 -7.48
C ALA A 80 4.07 12.25 -8.59
N THR A 81 3.68 13.45 -9.03
CA THR A 81 2.73 13.60 -10.12
C THR A 81 3.35 14.34 -11.28
N ARG A 82 2.98 13.92 -12.49
CA ARG A 82 3.45 14.56 -13.72
C ARG A 82 2.30 15.18 -14.51
N TYR A 83 2.52 16.41 -14.99
CA TYR A 83 1.59 17.09 -15.88
C TYR A 83 1.53 16.43 -17.25
N ARG A 84 0.35 16.51 -17.87
CA ARG A 84 0.06 15.97 -19.19
C ARG A 84 1.19 16.23 -20.22
N GLY A 85 1.51 17.51 -20.44
CA GLY A 85 2.48 17.88 -21.48
C GLY A 85 3.93 17.99 -21.05
N ASP A 86 4.27 17.36 -19.91
CA ASP A 86 5.62 17.42 -19.36
C ASP A 86 6.45 16.23 -19.84
N LEU A 87 7.44 16.51 -20.69
CA LEU A 87 8.28 15.48 -21.32
C LEU A 87 9.71 15.44 -20.81
N THR A 88 10.13 16.53 -20.17
CA THR A 88 11.47 16.64 -19.58
C THR A 88 11.60 15.80 -18.31
N GLY A 89 10.66 15.96 -17.38
CA GLY A 89 10.78 15.39 -16.04
C GLY A 89 10.88 16.46 -14.95
N GLY A 90 11.46 17.62 -15.32
CA GLY A 90 11.31 18.84 -14.52
C GLY A 90 9.89 19.31 -14.75
N ASP A 91 9.29 19.95 -13.75
CA ASP A 91 7.86 20.34 -13.77
C ASP A 91 6.93 19.19 -13.27
N ILE A 92 7.51 18.18 -12.60
CA ILE A 92 6.71 17.14 -11.94
C ILE A 92 6.54 17.50 -10.47
N LEU A 93 5.30 17.47 -10.01
CA LEU A 93 4.97 17.86 -8.64
C LEU A 93 5.39 16.75 -7.68
N TRP A 94 6.17 17.09 -6.67
CA TRP A 94 6.55 16.11 -5.66
C TRP A 94 5.61 16.20 -4.46
N LYS A 95 4.97 15.09 -4.15
CA LYS A 95 4.13 15.02 -2.94
C LYS A 95 4.96 14.45 -1.78
N VAL A 96 5.62 13.32 -2.02
CA VAL A 96 6.47 12.68 -1.00
C VAL A 96 7.80 12.32 -1.69
N ARG A 97 8.87 12.91 -1.16
CA ARG A 97 10.23 12.79 -1.70
C ARG A 97 10.96 11.61 -1.12
N PRO A 98 11.95 11.08 -1.86
CA PRO A 98 12.89 10.10 -1.33
C PRO A 98 13.69 10.70 -0.17
N SER A 99 14.17 9.83 0.68
CA SER A 99 14.90 10.25 1.84
C SER A 99 16.38 9.97 1.66
N SER A 100 17.20 10.68 2.44
CA SER A 100 18.64 10.45 2.48
C SER A 100 19.02 9.05 2.96
N ASN A 101 18.17 8.43 3.80
CA ASN A 101 18.33 7.02 4.24
C ASN A 101 18.61 6.06 3.12
N LEU A 102 18.21 6.44 1.92
CA LEU A 102 18.46 5.60 0.76
C LEU A 102 19.95 5.54 0.33
N ALA A 103 20.75 6.49 0.81
CA ALA A 103 22.16 6.62 0.41
C ALA A 103 22.89 5.31 0.67
N GLY A 104 23.66 4.85 -0.34
CA GLY A 104 24.36 3.57 -0.29
C GLY A 104 23.50 2.31 -0.24
N ARG A 105 22.19 2.45 -0.45
CA ARG A 105 21.25 1.30 -0.40
C ARG A 105 20.82 0.89 -1.79
N THR A 106 20.56 -0.42 -1.94
CA THR A 106 19.87 -0.97 -3.11
C THR A 106 18.39 -0.67 -2.94
N VAL A 107 17.79 -0.12 -3.98
CA VAL A 107 16.39 0.31 -3.95
C VAL A 107 15.59 -0.38 -5.06
N LEU A 108 14.41 -0.87 -4.69
CA LEU A 108 13.47 -1.35 -5.70
C LEU A 108 12.25 -0.48 -5.66
N VAL A 109 11.89 0.01 -6.83
CA VAL A 109 10.80 0.93 -7.03
C VAL A 109 9.67 0.12 -7.63
N VAL A 110 8.48 0.18 -7.02
CA VAL A 110 7.31 -0.60 -7.45
C VAL A 110 6.12 0.28 -7.81
N ASP A 111 5.71 0.20 -9.07
CA ASP A 111 4.58 0.96 -9.60
C ASP A 111 3.57 0.09 -10.33
N ASP A 112 2.39 0.65 -10.57
CA ASP A 112 1.35 -0.05 -11.31
C ASP A 112 1.64 -0.24 -12.82
N ILE A 113 1.98 0.84 -13.51
CA ILE A 113 2.07 0.84 -14.98
C ILE A 113 3.25 1.65 -15.51
N LEU A 114 3.98 1.05 -16.45
CA LEU A 114 4.96 1.78 -17.29
C LEU A 114 4.34 2.21 -18.62
N ASP A 115 4.11 3.50 -18.77
CA ASP A 115 3.50 4.05 -19.98
C ASP A 115 4.41 4.85 -20.93
N GLY A 116 4.51 6.16 -20.68
CA GLY A 116 5.53 7.02 -21.29
C GLY A 116 6.87 6.76 -20.66
N GLY A 117 6.88 6.60 -19.33
CA GLY A 117 8.09 6.28 -18.56
C GLY A 117 8.71 7.44 -17.82
N ILE A 118 8.13 8.64 -17.96
CA ILE A 118 8.71 9.89 -17.46
C ILE A 118 8.62 10.03 -15.93
N THR A 119 7.47 9.67 -15.38
CA THR A 119 7.26 9.71 -13.95
C THR A 119 8.30 8.86 -13.21
N LEU A 120 8.48 7.64 -13.70
CA LEU A 120 9.33 6.66 -13.08
C LEU A 120 10.81 6.98 -13.27
N ALA A 121 11.18 7.50 -14.44
CA ALA A 121 12.54 7.99 -14.67
C ALA A 121 12.92 9.13 -13.72
N ALA A 122 12.00 10.07 -13.53
CA ALA A 122 12.18 11.21 -12.63
C ALA A 122 12.31 10.78 -11.18
N ILE A 123 11.50 9.78 -10.81
CA ILE A 123 11.54 9.20 -9.49
C ILE A 123 12.87 8.49 -9.26
N ILE A 124 13.32 7.73 -10.26
CA ILE A 124 14.58 6.98 -10.14
C ILE A 124 15.76 7.94 -10.06
N ASN A 125 15.73 9.01 -10.85
CA ASN A 125 16.78 10.03 -10.83
C ASN A 125 16.90 10.68 -9.49
N GLU A 126 15.75 10.99 -8.90
CA GLU A 126 15.69 11.60 -7.58
C GLU A 126 16.16 10.68 -6.45
N ILE A 127 15.87 9.39 -6.58
CA ILE A 127 16.35 8.40 -5.62
C ILE A 127 17.85 8.29 -5.75
N LYS A 128 18.36 8.27 -6.98
CA LYS A 128 19.81 8.27 -7.25
C LYS A 128 20.50 9.52 -6.71
N ALA A 129 19.91 10.68 -7.00
CA ALA A 129 20.38 11.97 -6.47
C ALA A 129 20.55 11.97 -4.94
N MET A 130 19.84 11.07 -4.25
CA MET A 130 19.95 10.89 -2.80
C MET A 130 21.11 9.98 -2.40
N GLY A 131 21.74 9.35 -3.41
CA GLY A 131 22.93 8.51 -3.20
C GLY A 131 22.73 6.99 -3.16
N ALA A 132 21.62 6.52 -3.73
CA ALA A 132 21.31 5.08 -3.76
C ALA A 132 22.38 4.30 -4.55
N ALA A 133 22.91 3.25 -3.93
CA ALA A 133 23.92 2.41 -4.57
C ALA A 133 23.43 1.77 -5.86
N GLU A 134 22.24 1.18 -5.80
CA GLU A 134 21.60 0.52 -6.95
C GLU A 134 20.12 0.87 -6.96
N VAL A 135 19.52 0.95 -8.14
CA VAL A 135 18.09 1.20 -8.25
C VAL A 135 17.46 0.25 -9.26
N TYR A 136 16.46 -0.51 -8.82
CA TYR A 136 15.70 -1.38 -9.71
C TYR A 136 14.25 -0.92 -9.81
N SER A 137 13.54 -1.45 -10.79
CA SER A 137 12.18 -1.04 -11.04
C SER A 137 11.33 -2.25 -11.30
N ALA A 138 10.14 -2.20 -10.72
CA ALA A 138 9.18 -3.28 -10.86
C ALA A 138 7.87 -2.66 -11.25
N VAL A 139 7.23 -3.27 -12.22
CA VAL A 139 6.02 -2.72 -12.74
C VAL A 139 5.01 -3.83 -13.00
N LEU A 140 3.78 -3.65 -12.55
CA LEU A 140 2.79 -4.68 -12.75
C LEU A 140 2.46 -4.81 -14.24
N VAL A 141 2.18 -3.69 -14.89
CA VAL A 141 1.94 -3.77 -16.33
C VAL A 141 2.85 -2.85 -17.11
N ASP A 142 3.18 -3.31 -18.31
CA ASP A 142 4.04 -2.57 -19.17
C ASP A 142 3.31 -2.37 -20.50
N LYS A 143 3.05 -1.09 -20.80
CA LYS A 143 2.57 -0.71 -22.11
C LYS A 143 3.81 -0.55 -22.99
N TYR A 144 4.24 -1.70 -23.54
CA TYR A 144 5.51 -1.87 -24.24
C TYR A 144 5.67 -1.02 -25.53
N ARG A 145 4.56 -0.69 -26.17
CA ARG A 145 4.54 0.13 -27.38
C ARG A 145 4.48 1.64 -27.11
N LYS A 146 4.63 2.07 -25.86
CA LYS A 146 4.29 3.45 -25.54
C LYS A 146 5.33 4.40 -24.92
N ARG A 147 6.62 4.04 -24.94
CA ARG A 147 7.66 4.95 -24.43
C ARG A 147 7.87 6.22 -25.26
N VAL A 148 8.41 7.22 -24.56
CA VAL A 148 8.90 8.48 -25.10
C VAL A 148 10.39 8.63 -24.70
N PRO A 149 11.18 9.42 -25.48
CA PRO A 149 12.64 9.48 -25.32
C PRO A 149 13.22 9.66 -23.91
N ASN A 150 12.54 10.43 -23.07
CA ASN A 150 13.05 10.71 -21.73
C ASN A 150 12.48 9.78 -20.66
N GLY A 151 11.61 8.89 -21.09
CA GLY A 151 11.02 7.89 -20.23
C GLY A 151 11.97 6.75 -19.91
N LEU A 152 11.69 6.08 -18.80
CA LEU A 152 12.37 4.86 -18.43
C LEU A 152 11.97 3.84 -19.49
N GLN A 153 12.99 3.42 -20.24
CA GLN A 153 12.79 2.65 -21.45
C GLN A 153 12.28 1.26 -21.18
N LYS A 154 12.94 0.54 -20.30
CA LYS A 154 12.39 -0.74 -19.87
C LYS A 154 12.60 -0.96 -18.39
N ALA A 155 11.69 -1.68 -17.77
CA ALA A 155 11.72 -1.89 -16.35
C ALA A 155 12.40 -3.23 -16.06
N ASP A 156 13.06 -3.34 -14.91
CA ASP A 156 13.74 -4.59 -14.55
C ASP A 156 12.78 -5.75 -14.39
N PHE A 157 11.61 -5.51 -13.80
CA PHE A 157 10.65 -6.57 -13.52
C PHE A 157 9.27 -6.16 -13.98
N VAL A 158 8.70 -6.97 -14.87
CA VAL A 158 7.43 -6.68 -15.50
C VAL A 158 6.44 -7.84 -15.25
N GLY A 159 5.30 -7.53 -14.60
CA GLY A 159 4.23 -8.51 -14.40
C GLY A 159 3.57 -8.91 -15.70
N LEU A 160 3.06 -7.93 -16.44
CA LEU A 160 2.30 -8.19 -17.69
C LEU A 160 2.61 -7.19 -18.77
N GLN A 161 2.65 -7.70 -19.99
CA GLN A 161 2.79 -6.87 -21.18
C GLN A 161 1.43 -6.63 -21.82
N VAL A 162 1.11 -5.35 -22.09
CA VAL A 162 -0.19 -5.01 -22.67
C VAL A 162 -0.10 -3.96 -23.77
N GLU A 163 -1.10 -4.00 -24.67
CA GLU A 163 -1.37 -2.93 -25.64
C GLU A 163 -1.91 -1.68 -24.92
N ASP A 164 -1.95 -0.56 -25.63
CA ASP A 164 -2.49 0.66 -25.05
C ASP A 164 -4.02 0.64 -24.92
N HIS A 165 -4.51 0.10 -23.81
CA HIS A 165 -5.92 0.16 -23.50
C HIS A 165 -6.04 1.15 -22.39
N TYR A 166 -7.24 1.67 -22.16
CA TYR A 166 -7.50 2.37 -20.91
C TYR A 166 -7.84 1.23 -19.97
N ILE A 167 -7.00 1.00 -18.96
CA ILE A 167 -7.19 -0.12 -18.04
C ILE A 167 -7.38 0.32 -16.60
N PHE A 168 -8.02 -0.55 -15.81
CA PHE A 168 -8.19 -0.30 -14.40
C PHE A 168 -8.19 -1.61 -13.62
N GLY A 169 -8.22 -1.48 -12.30
CA GLY A 169 -8.31 -2.61 -11.42
C GLY A 169 -6.96 -2.92 -10.83
N TYR A 170 -7.01 -3.67 -9.72
CA TYR A 170 -5.82 -4.11 -9.02
C TYR A 170 -4.81 -2.96 -8.77
N GLY A 171 -5.36 -1.81 -8.35
CA GLY A 171 -4.55 -0.66 -7.96
C GLY A 171 -4.60 0.43 -8.99
N MET A 172 -4.97 0.04 -10.21
CA MET A 172 -5.08 1.00 -11.29
C MET A 172 -6.45 1.66 -11.28
N ASP A 173 -6.46 2.98 -11.37
CA ASP A 173 -7.70 3.73 -11.16
C ASP A 173 -8.43 4.05 -12.44
N TYR A 174 -9.73 4.28 -12.29
CA TYR A 174 -10.50 4.99 -13.29
C TYR A 174 -10.97 6.24 -12.58
N HIS A 175 -10.32 7.37 -12.87
CA HIS A 175 -10.58 8.64 -12.18
C HIS A 175 -10.66 8.48 -10.64
N GLU A 176 -9.68 7.77 -10.07
CA GLU A 176 -9.56 7.52 -8.61
C GLU A 176 -10.42 6.38 -8.11
N TYR A 177 -11.35 5.95 -8.94
CA TYR A 177 -12.17 4.81 -8.57
C TYR A 177 -11.61 3.54 -9.17
N LEU A 178 -12.20 2.43 -8.76
CA LEU A 178 -11.93 1.11 -9.37
C LEU A 178 -10.57 0.45 -9.13
N ARG A 179 -9.75 1.01 -8.25
CA ARG A 179 -8.48 0.36 -7.85
C ARG A 179 -8.78 -1.00 -7.19
N ASN A 180 -9.98 -1.11 -6.64
CA ASN A 180 -10.48 -2.33 -5.99
C ASN A 180 -11.06 -3.43 -6.91
N ALA A 181 -11.07 -3.22 -8.23
CA ALA A 181 -11.63 -4.23 -9.14
C ALA A 181 -10.69 -5.42 -9.16
N PRO A 182 -11.24 -6.65 -9.03
CA PRO A 182 -10.42 -7.87 -8.89
C PRO A 182 -9.81 -8.41 -10.19
N GLY A 183 -8.94 -7.63 -10.81
CA GLY A 183 -8.30 -8.02 -12.07
C GLY A 183 -7.98 -6.77 -12.86
N ILE A 184 -7.65 -6.95 -14.14
CA ILE A 184 -7.32 -5.85 -15.06
C ILE A 184 -8.43 -5.78 -16.12
N PHE A 185 -9.02 -4.61 -16.25
CA PHE A 185 -10.18 -4.46 -17.15
C PHE A 185 -9.92 -3.34 -18.14
N ILE A 186 -10.49 -3.50 -19.34
CA ILE A 186 -10.43 -2.48 -20.36
C ILE A 186 -11.74 -1.73 -20.32
N VAL A 187 -11.62 -0.41 -20.35
CA VAL A 187 -12.71 0.53 -20.39
C VAL A 187 -13.35 0.48 -21.77
N HIS A 188 -14.68 0.39 -21.79
CA HIS A 188 -15.45 0.44 -23.03
C HIS A 188 -15.20 1.79 -23.76
N PRO A 189 -15.18 1.79 -25.13
CA PRO A 189 -14.92 3.08 -25.84
C PRO A 189 -15.92 4.20 -25.48
N ASP A 190 -17.15 3.82 -25.14
CA ASP A 190 -18.16 4.75 -24.61
C ASP A 190 -17.72 5.48 -23.33
N HIS A 191 -16.76 4.91 -22.59
CA HIS A 191 -16.32 5.46 -21.32
C HIS A 191 -14.89 6.07 -21.30
N GLU A 192 -14.07 5.83 -22.33
CA GLU A 192 -12.67 6.33 -22.37
C GLU A 192 -12.55 7.83 -22.17
N HIS B 6 31.87 -6.84 11.56
CA HIS B 6 30.72 -6.58 12.49
C HIS B 6 29.45 -7.27 11.98
N MET B 7 28.51 -7.54 12.88
CA MET B 7 27.27 -8.22 12.55
C MET B 7 26.36 -7.28 11.76
N THR B 8 25.92 -7.74 10.59
CA THR B 8 25.00 -6.97 9.75
C THR B 8 23.59 -6.99 10.33
N ILE B 9 22.85 -5.90 10.09
CA ILE B 9 21.42 -5.83 10.40
C ILE B 9 20.62 -6.99 9.73
N PRO B 10 20.86 -7.28 8.42
CA PRO B 10 20.23 -8.44 7.76
C PRO B 10 20.34 -9.78 8.49
N ASP B 11 21.55 -10.09 8.98
CA ASP B 11 21.86 -11.35 9.64
C ASP B 11 21.03 -11.51 10.90
N LYS B 12 20.97 -10.42 11.68
CA LYS B 12 20.14 -10.35 12.88
C LYS B 12 18.66 -10.58 12.59
N ILE B 13 18.18 -10.00 11.49
CA ILE B 13 16.80 -10.11 11.04
C ILE B 13 16.43 -11.55 10.69
N LYS B 14 17.30 -12.20 9.91
CA LYS B 14 17.15 -13.62 9.55
C LYS B 14 17.02 -14.46 10.83
N ALA B 15 17.88 -14.20 11.80
CA ALA B 15 17.86 -14.86 13.11
C ALA B 15 16.57 -14.62 13.92
N VAL B 16 16.13 -13.36 13.97
CA VAL B 16 14.87 -12.98 14.64
C VAL B 16 13.66 -13.71 14.06
N TYR B 17 13.70 -13.94 12.74
CA TYR B 17 12.66 -14.68 12.07
C TYR B 17 12.72 -16.18 12.35
N GLU B 18 13.92 -16.71 12.51
CA GLU B 18 14.09 -18.16 12.76
C GLU B 18 13.57 -18.58 14.13
N LYS B 19 13.82 -17.75 15.14
CA LYS B 19 13.30 -17.99 16.50
C LYS B 19 11.84 -17.57 16.72
N SER B 20 11.25 -16.88 15.74
CA SER B 20 9.87 -16.42 15.82
C SER B 20 8.86 -17.56 15.87
N THR B 21 7.72 -17.28 16.46
CA THR B 21 6.65 -18.23 16.61
C THR B 21 5.49 -17.76 15.76
N CYS B 22 4.97 -18.66 14.92
CA CYS B 22 3.80 -18.35 14.12
C CYS B 22 2.55 -18.30 14.98
N LEU B 23 1.96 -17.10 15.07
CA LEU B 23 0.66 -16.92 15.64
C LEU B 23 -0.44 -17.22 14.62
N TYR B 24 -0.40 -16.58 13.46
CA TYR B 24 -1.36 -16.86 12.38
C TYR B 24 -0.68 -17.12 11.03
N THR B 25 -1.24 -18.05 10.25
CA THR B 25 -0.73 -18.40 8.93
C THR B 25 -1.23 -17.38 7.91
N SER B 26 -0.62 -17.39 6.72
CA SER B 26 -1.09 -16.52 5.64
C SER B 26 -2.56 -16.82 5.34
N ASN B 27 -2.92 -18.10 5.31
CA ASN B 27 -4.30 -18.56 5.04
C ASN B 27 -5.29 -18.06 6.08
N GLU B 28 -4.87 -18.10 7.34
CA GLU B 28 -5.64 -17.55 8.42
C GLU B 28 -5.87 -16.04 8.23
N VAL B 29 -4.80 -15.33 7.88
CA VAL B 29 -4.87 -13.88 7.60
C VAL B 29 -5.81 -13.58 6.42
N GLU B 30 -5.80 -14.41 5.37
CA GLU B 30 -6.72 -14.27 4.24
C GLU B 30 -8.16 -14.32 4.72
N ALA B 31 -8.44 -15.32 5.56
CA ALA B 31 -9.78 -15.55 6.11
C ALA B 31 -10.24 -14.39 6.99
N ALA B 32 -9.31 -13.85 7.79
CA ALA B 32 -9.56 -12.63 8.59
C ALA B 32 -9.97 -11.45 7.70
N LEU B 33 -9.18 -11.21 6.65
CA LEU B 33 -9.45 -10.20 5.64
C LEU B 33 -10.78 -10.39 4.93
N ASP B 34 -11.14 -11.66 4.67
CA ASP B 34 -12.46 -12.03 4.17
C ASP B 34 -13.62 -11.58 5.08
N ARG B 35 -13.45 -11.79 6.39
CA ARG B 35 -14.47 -11.40 7.36
C ARG B 35 -14.67 -9.91 7.31
N MET B 36 -13.56 -9.18 7.35
CA MET B 36 -13.55 -7.72 7.35
C MET B 36 -14.24 -7.15 6.11
N ALA B 37 -13.93 -7.73 4.94
CA ALA B 37 -14.52 -7.30 3.68
C ALA B 37 -16.05 -7.35 3.69
N ILE B 38 -16.60 -8.48 4.16
CA ILE B 38 -18.05 -8.71 4.28
C ILE B 38 -18.70 -7.70 5.24
N LYS B 39 -18.10 -7.49 6.42
CA LYS B 39 -18.60 -6.48 7.35
C LYS B 39 -18.50 -5.06 6.80
N ILE B 40 -17.40 -4.76 6.10
CA ILE B 40 -17.18 -3.44 5.47
C ILE B 40 -18.21 -3.19 4.35
N HIS B 41 -18.44 -4.21 3.52
CA HIS B 41 -19.45 -4.16 2.48
C HIS B 41 -20.81 -3.74 3.05
N GLU B 42 -21.26 -4.46 4.09
CA GLU B 42 -22.57 -4.21 4.71
C GLU B 42 -22.70 -2.82 5.31
N THR B 43 -21.61 -2.29 5.83
CA THR B 43 -21.59 -0.96 6.41
C THR B 43 -21.47 0.16 5.37
N LEU B 44 -20.59 -0.03 4.37
CA LEU B 44 -20.19 1.06 3.47
C LEU B 44 -20.53 0.92 1.98
N GLN B 45 -21.16 -0.18 1.58
CA GLN B 45 -21.42 -0.42 0.14
C GLN B 45 -22.04 0.76 -0.62
N ASP B 46 -22.72 1.67 0.09
CA ASP B 46 -23.40 2.82 -0.55
C ASP B 46 -22.86 4.19 -0.15
N LYS B 47 -21.86 4.20 0.71
CA LYS B 47 -21.35 5.46 1.24
C LYS B 47 -20.35 6.15 0.33
N ASN B 48 -19.90 5.45 -0.73
CA ASN B 48 -18.94 6.01 -1.68
C ASN B 48 -17.67 6.47 -0.91
N PRO B 49 -17.09 5.56 -0.09
CA PRO B 49 -16.05 5.96 0.86
C PRO B 49 -14.70 6.30 0.23
N VAL B 50 -13.91 7.08 0.95
CA VAL B 50 -12.49 7.20 0.66
C VAL B 50 -11.86 6.27 1.68
N ILE B 51 -11.17 5.25 1.21
CA ILE B 51 -10.43 4.37 2.10
C ILE B 51 -9.01 4.93 2.25
N ILE B 52 -8.61 5.16 3.50
CA ILE B 52 -7.34 5.85 3.79
C ILE B 52 -6.36 4.92 4.47
N CYS B 53 -5.16 4.84 3.89
CA CYS B 53 -4.12 3.93 4.36
C CYS B 53 -3.21 4.63 5.34
N VAL B 54 -3.16 4.07 6.54
CA VAL B 54 -2.29 4.62 7.56
C VAL B 54 -0.92 4.01 7.33
N MET B 55 -0.01 4.87 6.88
CA MET B 55 1.34 4.45 6.51
C MET B 55 2.22 4.19 7.74
N VAL B 56 3.14 3.21 7.67
CA VAL B 56 3.32 2.29 6.53
C VAL B 56 2.73 0.91 6.85
N GLY B 57 2.22 0.78 8.07
CA GLY B 57 1.60 -0.46 8.54
C GLY B 57 0.41 -0.91 7.72
N GLY B 58 -0.45 0.03 7.31
CA GLY B 58 -1.66 -0.33 6.58
C GLY B 58 -1.50 -0.82 5.15
N LEU B 59 -0.31 -0.65 4.57
CA LEU B 59 -0.05 -0.90 3.15
C LEU B 59 -0.36 -2.33 2.74
N VAL B 60 0.32 -3.29 3.34
CA VAL B 60 0.07 -4.67 2.93
C VAL B 60 -1.32 -5.18 3.34
N PRO B 61 -1.81 -4.84 4.56
CA PRO B 61 -3.19 -5.23 4.89
C PRO B 61 -4.18 -4.62 3.91
N LEU B 62 -4.04 -3.33 3.64
CA LEU B 62 -4.97 -2.64 2.74
C LEU B 62 -4.90 -3.19 1.33
N GLY B 63 -3.67 -3.39 0.82
CA GLY B 63 -3.42 -3.87 -0.53
C GLY B 63 -4.09 -5.20 -0.80
N ASN B 64 -4.05 -6.07 0.21
CA ASN B 64 -4.67 -7.38 0.14
C ASN B 64 -6.16 -7.32 0.30
N LEU B 65 -6.61 -6.37 1.11
CA LEU B 65 -8.00 -6.14 1.38
C LEU B 65 -8.74 -5.54 0.20
N LEU B 66 -8.10 -4.59 -0.48
CA LEU B 66 -8.81 -3.77 -1.46
C LEU B 66 -9.61 -4.54 -2.52
N HIS B 67 -9.00 -5.55 -3.12
CA HIS B 67 -9.65 -6.28 -4.21
C HIS B 67 -10.78 -7.19 -3.69
N ARG B 68 -10.93 -7.29 -2.37
CA ARG B 68 -12.01 -8.04 -1.76
C ARG B 68 -13.28 -7.19 -1.68
N LEU B 69 -13.11 -5.88 -1.60
CA LEU B 69 -14.20 -4.93 -1.50
C LEU B 69 -14.91 -4.72 -2.84
N ASP B 70 -16.20 -5.08 -2.90
CA ASP B 70 -16.97 -4.88 -4.10
C ASP B 70 -18.04 -3.75 -4.07
N PHE B 71 -17.56 -2.50 -4.12
CA PHE B 71 -18.39 -1.32 -4.18
C PHE B 71 -17.52 -0.14 -4.64
N PRO B 72 -18.15 0.96 -5.14
CA PRO B 72 -17.41 2.18 -5.51
C PRO B 72 -16.69 2.80 -4.33
N LEU B 73 -15.41 3.10 -4.51
CA LEU B 73 -14.54 3.66 -3.46
C LEU B 73 -13.32 4.35 -4.06
N GLU B 74 -12.62 5.11 -3.21
CA GLU B 74 -11.41 5.85 -3.56
C GLU B 74 -10.31 5.53 -2.57
N VAL B 75 -9.06 5.81 -2.94
CA VAL B 75 -7.95 5.49 -2.04
C VAL B 75 -7.10 6.69 -1.79
N ASP B 76 -6.67 6.82 -0.54
CA ASP B 76 -5.73 7.83 -0.12
C ASP B 76 -4.92 7.30 1.07
N TYR B 77 -3.89 8.05 1.45
CA TYR B 77 -3.01 7.61 2.53
C TYR B 77 -2.71 8.79 3.46
N VAL B 78 -2.24 8.46 4.65
CA VAL B 78 -1.94 9.43 5.68
C VAL B 78 -0.75 8.86 6.46
N HIS B 79 0.03 9.74 7.08
CA HIS B 79 1.21 9.31 7.84
C HIS B 79 1.47 10.16 9.08
N ALA B 80 1.16 9.60 10.25
CA ALA B 80 1.45 10.29 11.50
C ALA B 80 2.19 9.39 12.49
N THR B 81 3.26 9.93 13.09
CA THR B 81 4.01 9.16 14.09
C THR B 81 3.90 9.81 15.47
N ARG B 82 4.05 8.99 16.49
CA ARG B 82 3.90 9.43 17.85
C ARG B 82 5.03 8.89 18.74
N TYR B 83 5.55 9.76 19.62
CA TYR B 83 6.47 9.35 20.69
C TYR B 83 5.74 8.45 21.66
N ARG B 84 6.41 7.42 22.18
CA ARG B 84 5.82 6.54 23.20
C ARG B 84 5.42 7.31 24.48
N GLY B 85 6.19 8.34 24.82
CA GLY B 85 5.91 9.19 25.99
C GLY B 85 4.83 10.23 25.83
N ASP B 86 4.41 10.44 24.58
CA ASP B 86 3.29 11.29 24.21
C ASP B 86 1.99 10.57 24.59
N LEU B 87 1.53 10.84 25.80
CA LEU B 87 0.38 10.15 26.39
C LEU B 87 -0.96 10.79 26.01
N THR B 88 -0.86 12.01 25.48
CA THR B 88 -1.93 12.64 24.71
C THR B 88 -1.48 12.63 23.23
N GLY B 89 -2.37 12.94 22.31
CA GLY B 89 -1.92 13.09 20.93
C GLY B 89 -1.19 14.41 20.65
N GLY B 90 -0.86 15.16 21.70
CA GLY B 90 -0.40 16.55 21.59
C GLY B 90 0.88 16.81 20.81
N ASP B 91 1.75 15.81 20.72
CA ASP B 91 3.02 15.93 20.02
C ASP B 91 3.21 14.86 18.95
N ILE B 92 2.14 14.47 18.26
CA ILE B 92 2.30 13.53 17.15
C ILE B 92 2.89 14.31 16.00
N LEU B 93 3.87 13.71 15.34
CA LEU B 93 4.51 14.35 14.21
C LEU B 93 3.94 13.80 12.91
N TRP B 94 3.39 14.71 12.12
CA TRP B 94 2.75 14.36 10.89
C TRP B 94 3.78 14.24 9.81
N LYS B 95 3.77 13.11 9.11
CA LYS B 95 4.49 13.02 7.85
C LYS B 95 3.58 13.43 6.70
N VAL B 96 2.38 12.84 6.65
CA VAL B 96 1.44 13.16 5.59
C VAL B 96 0.08 13.46 6.20
N ARG B 97 -0.40 14.67 5.97
CA ARG B 97 -1.67 15.13 6.55
C ARG B 97 -2.90 14.78 5.69
N PRO B 98 -4.08 14.68 6.34
CA PRO B 98 -5.36 14.50 5.64
C PRO B 98 -5.70 15.71 4.76
N SER B 99 -6.33 15.44 3.62
CA SER B 99 -6.68 16.45 2.66
C SER B 99 -8.07 17.09 2.91
N SER B 100 -8.28 18.28 2.36
CA SER B 100 -9.58 18.98 2.43
C SER B 100 -10.66 18.28 1.63
N ASN B 101 -10.23 17.59 0.56
CA ASN B 101 -11.08 16.74 -0.30
C ASN B 101 -11.94 15.79 0.48
N LEU B 102 -11.47 15.43 1.67
CA LEU B 102 -12.19 14.55 2.57
C LEU B 102 -13.45 15.17 3.20
N ALA B 103 -13.58 16.51 3.13
CA ALA B 103 -14.74 17.25 3.67
C ALA B 103 -16.05 16.75 3.06
N GLY B 104 -16.95 16.28 3.91
CA GLY B 104 -18.25 15.78 3.46
C GLY B 104 -18.25 14.35 2.97
N ARG B 105 -17.11 13.67 3.13
CA ARG B 105 -16.93 12.30 2.62
C ARG B 105 -17.01 11.28 3.76
N THR B 106 -17.58 10.11 3.45
CA THR B 106 -17.42 8.94 4.32
C THR B 106 -16.00 8.41 4.18
N VAL B 107 -15.28 8.35 5.30
CA VAL B 107 -13.88 7.93 5.32
C VAL B 107 -13.67 6.61 6.09
N LEU B 108 -12.92 5.68 5.49
CA LEU B 108 -12.46 4.52 6.24
C LEU B 108 -10.96 4.59 6.44
N VAL B 109 -10.56 4.55 7.70
CA VAL B 109 -9.14 4.47 8.05
C VAL B 109 -8.70 2.99 8.20
N VAL B 110 -7.60 2.60 7.52
CA VAL B 110 -7.06 1.22 7.64
C VAL B 110 -5.64 1.18 8.22
N ASP B 111 -5.47 0.33 9.24
CA ASP B 111 -4.16 0.21 9.90
C ASP B 111 -3.77 -1.24 10.17
N ASP B 112 -2.48 -1.45 10.43
CA ASP B 112 -1.99 -2.76 10.86
C ASP B 112 -2.52 -3.18 12.24
N ILE B 113 -2.29 -2.34 13.25
CA ILE B 113 -2.54 -2.74 14.63
C ILE B 113 -3.02 -1.62 15.56
N LEU B 114 -4.08 -1.95 16.32
CA LEU B 114 -4.57 -1.10 17.41
C LEU B 114 -3.90 -1.49 18.74
N ASP B 115 -3.02 -0.63 19.22
CA ASP B 115 -2.31 -0.95 20.45
C ASP B 115 -2.81 -0.22 21.71
N GLY B 116 -2.30 0.99 21.95
CA GLY B 116 -2.85 1.97 22.89
C GLY B 116 -4.01 2.75 22.29
N GLY B 117 -3.90 3.10 21.01
CA GLY B 117 -4.95 3.79 20.26
C GLY B 117 -4.76 5.28 20.06
N ILE B 118 -3.72 5.87 20.66
CA ILE B 118 -3.53 7.34 20.62
C ILE B 118 -3.25 7.81 19.19
N THR B 119 -2.35 7.11 18.50
CA THR B 119 -2.00 7.41 17.10
C THR B 119 -3.23 7.36 16.21
N LEU B 120 -4.02 6.30 16.33
CA LEU B 120 -5.23 6.16 15.55
C LEU B 120 -6.29 7.24 15.85
N ALA B 121 -6.53 7.52 17.13
CA ALA B 121 -7.51 8.53 17.55
C ALA B 121 -7.12 9.95 17.12
N ALA B 122 -5.82 10.22 17.12
CA ALA B 122 -5.32 11.49 16.64
C ALA B 122 -5.56 11.67 15.13
N ILE B 123 -5.41 10.57 14.38
CA ILE B 123 -5.58 10.57 12.91
C ILE B 123 -7.06 10.79 12.57
N ILE B 124 -7.94 10.03 13.24
CA ILE B 124 -9.38 10.21 13.12
C ILE B 124 -9.78 11.66 13.44
N ASN B 125 -9.28 12.22 14.55
CA ASN B 125 -9.60 13.60 14.93
C ASN B 125 -9.17 14.64 13.90
N GLU B 126 -7.96 14.52 13.39
CA GLU B 126 -7.48 15.42 12.36
C GLU B 126 -8.29 15.28 11.07
N ILE B 127 -8.72 14.04 10.77
CA ILE B 127 -9.59 13.77 9.63
C ILE B 127 -10.96 14.42 9.82
N LYS B 128 -11.54 14.26 11.01
CA LYS B 128 -12.79 14.93 11.38
C LYS B 128 -12.70 16.46 11.24
N ALA B 129 -11.56 17.02 11.63
CA ALA B 129 -11.29 18.43 11.56
C ALA B 129 -11.20 18.93 10.13
N MET B 130 -10.80 18.07 9.19
CA MET B 130 -10.79 18.43 7.75
C MET B 130 -12.22 18.52 7.20
N GLY B 131 -13.21 18.29 8.07
CA GLY B 131 -14.62 18.40 7.74
C GLY B 131 -15.28 17.12 7.28
N ALA B 132 -14.60 15.99 7.50
CA ALA B 132 -15.11 14.65 7.16
C ALA B 132 -16.54 14.43 7.68
N ALA B 133 -17.35 13.74 6.89
CA ALA B 133 -18.75 13.47 7.24
C ALA B 133 -18.87 12.36 8.28
N GLU B 134 -18.05 11.33 8.10
CA GLU B 134 -18.08 10.10 8.88
C GLU B 134 -16.73 9.43 8.77
N VAL B 135 -16.25 8.91 9.89
CA VAL B 135 -14.99 8.18 9.93
C VAL B 135 -15.19 6.81 10.59
N TYR B 136 -14.83 5.76 9.87
CA TYR B 136 -14.82 4.40 10.41
C TYR B 136 -13.38 3.93 10.45
N SER B 137 -13.12 2.96 11.33
CA SER B 137 -11.77 2.46 11.50
C SER B 137 -11.78 0.97 11.31
N ALA B 138 -10.79 0.50 10.54
CA ALA B 138 -10.49 -0.91 10.34
C ALA B 138 -9.05 -1.19 10.75
N VAL B 139 -8.84 -2.36 11.34
CA VAL B 139 -7.53 -2.79 11.81
C VAL B 139 -7.38 -4.30 11.58
N LEU B 140 -6.22 -4.73 11.11
CA LEU B 140 -5.98 -6.15 10.94
C LEU B 140 -5.92 -6.83 12.32
N VAL B 141 -5.14 -6.28 13.23
CA VAL B 141 -5.02 -6.88 14.54
C VAL B 141 -5.36 -5.93 15.68
N ASP B 142 -6.17 -6.42 16.61
CA ASP B 142 -6.47 -5.67 17.81
C ASP B 142 -5.86 -6.35 19.05
N LYS B 143 -4.89 -5.66 19.65
CA LYS B 143 -4.44 -5.93 21.03
C LYS B 143 -5.48 -5.39 22.01
N TYR B 144 -6.52 -6.20 22.24
CA TYR B 144 -7.73 -5.81 22.97
C TYR B 144 -7.51 -5.40 24.44
N ARG B 145 -6.63 -6.11 25.12
CA ARG B 145 -6.26 -5.76 26.49
C ARG B 145 -5.53 -4.42 26.66
N LYS B 146 -4.81 -3.96 25.63
CA LYS B 146 -3.82 -2.88 25.80
C LYS B 146 -4.22 -1.39 25.67
N ARG B 147 -5.53 -1.11 25.61
CA ARG B 147 -6.00 0.28 25.37
C ARG B 147 -5.78 1.26 26.51
N VAL B 148 -5.41 2.49 26.17
CA VAL B 148 -5.34 3.61 27.11
C VAL B 148 -6.62 4.48 27.07
N PRO B 149 -6.85 5.33 28.11
CA PRO B 149 -8.11 6.13 28.12
C PRO B 149 -8.18 7.16 26.98
N ASN B 150 -7.02 7.68 26.59
CA ASN B 150 -6.91 8.64 25.49
C ASN B 150 -7.17 8.09 24.09
N GLY B 151 -6.75 6.85 23.85
CA GLY B 151 -6.84 6.21 22.55
C GLY B 151 -8.21 5.73 22.14
N LEU B 152 -8.30 5.35 20.86
CA LEU B 152 -9.52 4.91 20.19
C LEU B 152 -9.92 3.55 20.77
N GLN B 153 -11.08 3.49 21.41
CA GLN B 153 -11.44 2.36 22.28
C GLN B 153 -11.74 1.06 21.58
N LYS B 154 -12.47 1.14 20.49
CA LYS B 154 -12.93 -0.02 19.76
C LYS B 154 -12.78 0.35 18.29
N ALA B 155 -12.39 -0.60 17.46
CA ALA B 155 -12.32 -0.41 16.01
C ALA B 155 -13.56 -1.00 15.38
N ASP B 156 -14.11 -0.32 14.36
CA ASP B 156 -15.34 -0.78 13.71
C ASP B 156 -15.19 -2.15 13.05
N PHE B 157 -14.01 -2.40 12.47
CA PHE B 157 -13.67 -3.68 11.84
C PHE B 157 -12.32 -4.19 12.33
N VAL B 158 -12.30 -5.44 12.77
CA VAL B 158 -11.11 -6.03 13.33
C VAL B 158 -10.90 -7.36 12.66
N GLY B 159 -9.69 -7.60 12.17
CA GLY B 159 -9.35 -8.86 11.53
C GLY B 159 -9.12 -9.95 12.57
N LEU B 160 -8.27 -9.66 13.56
CA LEU B 160 -7.84 -10.65 14.54
C LEU B 160 -7.56 -10.02 15.90
N GLN B 161 -7.92 -10.71 16.97
CA GLN B 161 -7.66 -10.22 18.35
C GLN B 161 -6.49 -10.99 18.94
N VAL B 162 -5.55 -10.26 19.54
CA VAL B 162 -4.30 -10.88 20.04
C VAL B 162 -3.86 -10.39 21.43
N GLU B 163 -3.08 -11.24 22.11
CA GLU B 163 -2.50 -10.92 23.42
C GLU B 163 -1.28 -10.05 23.20
N ASP B 164 -0.73 -9.49 24.28
CA ASP B 164 0.34 -8.52 24.13
C ASP B 164 1.72 -9.16 23.81
N HIS B 165 1.79 -9.76 22.62
CA HIS B 165 3.02 -10.28 22.05
C HIS B 165 3.64 -9.19 21.19
N TYR B 166 4.96 -9.23 21.06
CA TYR B 166 5.65 -8.36 20.11
C TYR B 166 5.59 -9.06 18.75
N ILE B 167 4.86 -8.45 17.82
CA ILE B 167 4.47 -9.14 16.58
C ILE B 167 4.96 -8.49 15.28
N PHE B 168 5.03 -9.31 14.24
CA PHE B 168 5.43 -8.83 12.92
C PHE B 168 4.83 -9.69 11.82
N GLY B 169 5.05 -9.25 10.58
CA GLY B 169 4.58 -9.94 9.41
C GLY B 169 3.34 -9.29 8.87
N TYR B 170 3.04 -9.55 7.61
CA TYR B 170 1.87 -9.03 6.92
C TYR B 170 1.72 -7.50 7.05
N GLY B 171 2.82 -6.77 6.87
CA GLY B 171 2.79 -5.31 7.00
C GLY B 171 3.32 -4.78 8.33
N MET B 172 3.35 -5.65 9.34
CA MET B 172 3.89 -5.29 10.63
C MET B 172 5.39 -5.56 10.69
N ASP B 173 6.14 -4.55 11.13
CA ASP B 173 7.58 -4.62 11.09
C ASP B 173 8.22 -5.13 12.39
N TYR B 174 9.50 -5.44 12.27
CA TYR B 174 10.40 -5.59 13.39
C TYR B 174 11.57 -4.70 13.02
N HIS B 175 11.57 -3.50 13.60
CA HIS B 175 12.56 -2.48 13.28
C HIS B 175 12.69 -2.30 11.77
N GLU B 176 11.55 -2.06 11.13
CA GLU B 176 11.43 -1.82 9.68
C GLU B 176 11.50 -3.04 8.81
N TYR B 177 11.87 -4.17 9.39
CA TYR B 177 11.99 -5.40 8.63
C TYR B 177 10.80 -6.31 8.81
N LEU B 178 10.81 -7.39 8.05
CA LEU B 178 9.84 -8.47 8.22
C LEU B 178 8.40 -8.11 7.93
N ARG B 179 8.17 -6.99 7.24
CA ARG B 179 6.81 -6.65 6.80
C ARG B 179 6.31 -7.64 5.76
N ASN B 180 7.26 -8.27 5.07
CA ASN B 180 7.04 -9.35 4.09
C ASN B 180 6.82 -10.76 4.63
N ALA B 181 6.91 -10.97 5.95
CA ALA B 181 6.71 -12.29 6.54
C ALA B 181 5.28 -12.78 6.29
N PRO B 182 5.14 -13.99 5.72
CA PRO B 182 3.81 -14.46 5.29
C PRO B 182 2.90 -14.95 6.43
N GLY B 183 2.47 -14.01 7.27
CA GLY B 183 1.58 -14.33 8.39
C GLY B 183 1.84 -13.40 9.56
N ILE B 184 1.33 -13.78 10.72
CA ILE B 184 1.65 -13.04 11.94
C ILE B 184 2.54 -13.88 12.88
N PHE B 185 3.62 -13.26 13.34
CA PHE B 185 4.63 -13.95 14.12
C PHE B 185 4.95 -13.19 15.39
N ILE B 186 5.36 -13.94 16.42
CA ILE B 186 5.75 -13.41 17.72
C ILE B 186 7.24 -13.60 17.86
N VAL B 187 7.90 -12.53 18.27
CA VAL B 187 9.33 -12.52 18.59
C VAL B 187 9.56 -13.48 19.77
N HIS B 188 10.66 -14.24 19.70
CA HIS B 188 11.10 -15.06 20.82
C HIS B 188 11.40 -14.18 22.05
N PRO B 189 11.00 -14.63 23.27
CA PRO B 189 11.21 -13.82 24.49
C PRO B 189 12.64 -13.31 24.59
N ASP B 190 13.61 -14.17 24.23
CA ASP B 190 15.02 -13.79 24.15
C ASP B 190 15.42 -12.76 23.08
N HIS B 191 14.45 -12.03 22.53
CA HIS B 191 14.73 -11.02 21.50
C HIS B 191 14.01 -9.71 21.82
#